data_4GAB
#
_entry.id   4GAB
#
_cell.length_a   89.022
_cell.length_b   89.022
_cell.length_c   78.220
_cell.angle_alpha   90.00
_cell.angle_beta   90.00
_cell.angle_gamma   120.00
#
_symmetry.space_group_name_H-M   'P 61'
#
loop_
_entity.id
_entity.type
_entity.pdbx_description
1 polymer 'Aldo-keto reductase family 1 member B10'
2 non-polymer 'NADP NICOTINAMIDE-ADENINE-DINUCLEOTIDE PHOSPHATE'
3 non-polymer "(2S,4S)-2-AMINOFORMYL-6-FLUORO-SPIRO[CHROMAN-4,4'-IMIDAZOLIDINE]-2',5'-DIONE"
4 non-polymer 'CHLORIDE ION'
5 water water
#
_entity_poly.entity_id   1
_entity_poly.type   'polypeptide(L)'
_entity_poly.pdbx_seq_one_letter_code
;MATFVELSTKAKMPIVGLGTWKSPLGKVKEAVKVAIDAGYRHIDCAYVYQNEHEVGEAIQEKIQEKAVKREDLFIVSKLW
PTFFERPLVRKAFEKTLKDLKLSYLDVYLIHWPQGFKSGDDLFPKDDKGNAIGGKATFLDAWEAMEELVDEGLVKALGVS
NFSHFQIEKLLNKPGLKYKPVTNQVECHPYLTQEKLIQYCHSKGITVTAYSPLGSPDRPWAKPEDPSLLEDPKIKEIAAK
HKKTAAQVLIRFHIQRNVIVIPKSVTPARIVENIQVFDFKLSDEEMATILSFNRNWRACNLLQSSHLEDYPFNAEY
;
_entity_poly.pdbx_strand_id   A
#
# COMPACT_ATOMS: atom_id res chain seq x y z
N MET A 1 18.78 -2.65 -0.69
CA MET A 1 19.15 -3.94 -0.13
C MET A 1 18.01 -4.93 -0.36
N ALA A 2 16.85 -3.85 -0.47
CA ALA A 2 15.72 -4.65 -0.88
C ALA A 2 15.88 -4.96 -2.37
N THR A 3 15.49 -6.19 -2.71
N THR A 3 15.55 -6.19 -2.77
CA THR A 3 15.35 -6.68 -4.08
CA THR A 3 15.58 -6.48 -4.20
C THR A 3 14.27 -5.84 -4.78
C THR A 3 14.39 -5.80 -4.87
N PHE A 4 14.15 -5.95 -6.12
N PHE A 4 14.19 -5.99 -6.17
CA PHE A 4 13.15 -5.19 -6.86
CA PHE A 4 13.17 -5.22 -6.89
C PHE A 4 12.12 -6.08 -7.57
C PHE A 4 12.13 -6.07 -7.60
N VAL A 5 10.95 -5.49 -7.82
CA VAL A 5 9.96 -6.08 -8.72
C VAL A 5 9.86 -5.11 -9.90
N GLU A 6 10.05 -5.61 -11.12
CA GLU A 6 10.02 -4.75 -12.29
C GLU A 6 8.57 -4.41 -12.68
N LEU A 7 8.31 -3.13 -12.87
CA LEU A 7 6.99 -2.67 -13.28
C LEU A 7 6.86 -2.70 -14.80
N SER A 8 5.64 -2.56 -15.30
CA SER A 8 5.41 -2.59 -16.74
C SER A 8 6.09 -1.42 -17.45
N THR A 9 6.44 -0.39 -16.68
CA THR A 9 7.16 0.77 -17.20
C THR A 9 8.66 0.55 -17.27
N LYS A 10 9.10 -0.60 -16.77
CA LYS A 10 10.52 -0.99 -16.61
C LYS A 10 11.20 -0.34 -15.40
N ALA A 11 10.46 0.49 -14.66
CA ALA A 11 10.96 1.02 -13.41
C ALA A 11 11.04 -0.11 -12.39
N LYS A 12 11.97 0.01 -11.44
CA LYS A 12 12.14 -1.02 -10.43
C LYS A 12 11.59 -0.58 -9.07
N MET A 13 10.65 -1.35 -8.54
CA MET A 13 10.00 -1.02 -7.28
C MET A 13 10.60 -1.89 -6.18
N PRO A 14 11.19 -1.27 -5.13
CA PRO A 14 11.79 -2.10 -4.08
C PRO A 14 10.75 -3.00 -3.42
N ILE A 15 11.09 -4.26 -3.21
CA ILE A 15 10.11 -5.26 -2.83
C ILE A 15 9.67 -5.15 -1.35
N VAL A 16 10.47 -4.49 -0.52
CA VAL A 16 10.02 -4.14 0.84
C VAL A 16 9.95 -2.62 0.96
N GLY A 17 8.86 -2.11 1.51
CA GLY A 17 8.75 -0.70 1.80
C GLY A 17 8.29 -0.46 3.23
N LEU A 18 8.37 0.79 3.68
CA LEU A 18 7.90 1.16 5.02
C LEU A 18 6.48 1.70 4.96
N GLY A 19 5.57 1.06 5.69
CA GLY A 19 4.20 1.55 5.82
C GLY A 19 4.14 2.68 6.83
N THR A 20 3.19 3.61 6.63
CA THR A 20 3.10 4.78 7.50
C THR A 20 1.71 5.09 8.06
N TRP A 21 0.73 4.22 7.79
CA TRP A 21 -0.58 4.41 8.41
C TRP A 21 -0.49 4.16 9.92
N LYS A 22 -1.02 5.11 10.70
CA LYS A 22 -1.03 5.09 12.18
C LYS A 22 0.28 5.52 12.82
N SER A 23 1.28 5.86 12.00
CA SER A 23 2.54 6.38 12.53
C SER A 23 2.32 7.83 12.90
N PRO A 24 2.36 8.12 14.20
CA PRO A 24 1.91 9.47 14.60
C PRO A 24 2.91 10.56 14.33
N LEU A 25 2.43 11.80 14.31
CA LEU A 25 3.31 12.95 14.26
C LEU A 25 4.20 12.90 15.49
N GLY A 26 5.50 13.12 15.30
CA GLY A 26 6.44 13.06 16.40
C GLY A 26 7.21 11.75 16.45
N LYS A 27 6.77 10.76 15.68
CA LYS A 27 7.44 9.46 15.59
C LYS A 27 7.76 9.06 14.17
N VAL A 28 6.93 9.50 13.22
CA VAL A 28 7.08 9.01 11.86
C VAL A 28 8.33 9.58 11.18
N LYS A 29 8.71 10.80 11.54
CA LYS A 29 9.91 11.40 10.98
C LYS A 29 11.13 10.55 11.35
N GLU A 30 11.24 10.20 12.62
CA GLU A 30 12.36 9.36 13.05
C GLU A 30 12.26 7.95 12.45
N ALA A 31 11.03 7.45 12.31
CA ALA A 31 10.84 6.12 11.72
C ALA A 31 11.37 6.07 10.29
N VAL A 32 11.06 7.09 9.49
CA VAL A 32 11.53 7.16 8.12
C VAL A 32 13.06 7.33 8.04
N LYS A 33 13.63 8.12 8.95
CA LYS A 33 15.08 8.26 9.00
C LYS A 33 15.77 6.94 9.32
N VAL A 34 15.26 6.26 10.34
CA VAL A 34 15.79 4.95 10.74
C VAL A 34 15.66 3.97 9.58
N ALA A 35 14.52 4.00 8.90
CA ALA A 35 14.28 3.11 7.77
C ALA A 35 15.30 3.35 6.66
N ILE A 36 15.52 4.61 6.31
CA ILE A 36 16.46 4.93 5.25
C ILE A 36 17.88 4.48 5.66
N ASP A 37 18.24 4.72 6.92
CA ASP A 37 19.54 4.28 7.42
C ASP A 37 19.70 2.77 7.32
N ALA A 38 18.60 2.04 7.51
CA ALA A 38 18.61 0.58 7.49
C ALA A 38 18.51 0.03 6.08
N GLY A 39 18.36 0.91 5.10
CA GLY A 39 18.37 0.46 3.72
C GLY A 39 17.02 0.46 3.01
N TYR A 40 15.97 0.90 3.70
CA TYR A 40 14.68 1.05 3.02
C TYR A 40 14.79 2.15 1.99
N ARG A 41 14.11 1.97 0.87
CA ARG A 41 14.12 2.98 -0.19
C ARG A 41 12.69 3.29 -0.63
N HIS A 42 11.78 2.38 -0.34
CA HIS A 42 10.38 2.48 -0.71
C HIS A 42 9.61 2.89 0.54
N ILE A 43 8.85 3.99 0.46
CA ILE A 43 8.00 4.44 1.55
C ILE A 43 6.57 4.56 1.04
N ASP A 44 5.63 3.94 1.75
CA ASP A 44 4.22 4.02 1.40
C ASP A 44 3.50 5.07 2.23
N CYS A 45 2.89 6.05 1.55
CA CYS A 45 2.29 7.21 2.19
C CYS A 45 0.85 7.36 1.74
N ALA A 46 0.11 8.25 2.40
CA ALA A 46 -1.22 8.65 1.94
C ALA A 46 -1.64 9.98 2.51
N TYR A 47 -2.43 10.71 1.72
CA TYR A 47 -3.06 11.94 2.16
C TYR A 47 -3.86 11.70 3.45
N VAL A 48 -4.62 10.60 3.49
CA VAL A 48 -5.52 10.35 4.61
C VAL A 48 -4.79 10.05 5.92
N TYR A 49 -3.51 9.67 5.85
CA TYR A 49 -2.75 9.36 7.07
C TYR A 49 -2.39 10.61 7.84
N GLN A 50 -2.46 11.76 7.17
CA GLN A 50 -2.27 13.06 7.82
C GLN A 50 -0.90 13.21 8.46
N ASN A 51 0.11 12.58 7.89
CA ASN A 51 1.48 12.66 8.40
C ASN A 51 2.53 12.84 7.30
N GLU A 52 2.07 13.11 6.08
CA GLU A 52 3.00 13.22 4.95
C GLU A 52 4.05 14.32 5.09
N HIS A 53 3.72 15.42 5.75
CA HIS A 53 4.71 16.50 5.90
C HIS A 53 5.92 16.05 6.74
N GLU A 54 5.72 15.17 7.72
CA GLU A 54 6.85 14.69 8.50
C GLU A 54 7.67 13.64 7.76
N VAL A 55 7.00 12.84 6.94
CA VAL A 55 7.71 11.95 6.02
C VAL A 55 8.58 12.80 5.11
N GLY A 56 8.01 13.90 4.60
CA GLY A 56 8.76 14.81 3.75
C GLY A 56 9.97 15.43 4.43
N GLU A 57 9.84 15.80 5.70
CA GLU A 57 10.96 16.34 6.45
C GLU A 57 12.09 15.32 6.55
N ALA A 58 11.73 14.07 6.86
CA ALA A 58 12.74 13.02 6.99
C ALA A 58 13.50 12.79 5.68
N ILE A 59 12.76 12.68 4.57
CA ILE A 59 13.38 12.44 3.27
C ILE A 59 14.30 13.59 2.90
N GLN A 60 13.82 14.82 3.07
CA GLN A 60 14.61 16.00 2.71
C GLN A 60 15.93 16.05 3.47
N GLU A 61 15.87 15.72 4.76
CA GLU A 61 17.06 15.76 5.59
C GLU A 61 18.05 14.66 5.21
N LYS A 62 17.55 13.47 4.93
CA LYS A 62 18.43 12.38 4.54
C LYS A 62 19.12 12.64 3.20
N ILE A 63 18.43 13.30 2.28
CA ILE A 63 19.03 13.63 0.98
C ILE A 63 20.16 14.67 1.11
N GLN A 64 19.93 15.76 1.84
N GLN A 64 19.89 15.72 1.88
CA GLN A 64 20.96 16.79 1.92
CA GLN A 64 20.83 16.81 2.10
C GLN A 64 22.10 16.41 2.87
C GLN A 64 22.05 16.35 2.87
N GLU A 65 21.86 15.37 3.66
N GLU A 65 21.84 15.36 3.72
CA GLU A 65 22.87 14.83 4.57
CA GLU A 65 22.89 14.83 4.58
C GLU A 65 23.66 13.76 3.81
C GLU A 65 23.69 13.79 3.79
N LYS A 66 23.25 13.56 2.55
CA LYS A 66 23.91 12.65 1.61
C LYS A 66 23.80 11.17 1.99
N ALA A 67 22.79 10.85 2.78
CA ALA A 67 22.54 9.46 3.17
C ALA A 67 21.91 8.68 2.03
N VAL A 68 21.21 9.38 1.15
CA VAL A 68 20.48 8.75 0.07
C VAL A 68 20.27 9.74 -1.07
N LYS A 69 20.04 9.24 -2.27
CA LYS A 69 19.72 10.10 -3.41
C LYS A 69 18.26 9.90 -3.80
N ARG A 70 17.61 10.97 -4.27
CA ARG A 70 16.21 10.90 -4.65
C ARG A 70 15.93 9.80 -5.67
N GLU A 71 16.83 9.64 -6.64
CA GLU A 71 16.66 8.64 -7.70
C GLU A 71 16.57 7.22 -7.15
N ASP A 72 17.12 7.01 -5.95
CA ASP A 72 17.14 5.67 -5.36
C ASP A 72 15.97 5.44 -4.41
N LEU A 73 15.21 6.50 -4.14
CA LEU A 73 13.99 6.38 -3.34
C LEU A 73 12.79 6.11 -4.22
N PHE A 74 11.79 5.42 -3.64
CA PHE A 74 10.57 5.09 -4.36
C PHE A 74 9.42 5.47 -3.46
N ILE A 75 8.78 6.60 -3.75
CA ILE A 75 7.77 7.14 -2.87
C ILE A 75 6.40 6.99 -3.50
N VAL A 76 5.49 6.38 -2.75
CA VAL A 76 4.13 6.13 -3.21
C VAL A 76 3.16 6.92 -2.35
N SER A 77 2.19 7.58 -2.97
CA SER A 77 1.07 8.13 -2.19
C SER A 77 -0.24 7.80 -2.88
N LYS A 78 -1.34 8.27 -2.28
CA LYS A 78 -2.67 7.83 -2.70
C LYS A 78 -3.68 8.96 -2.70
N LEU A 79 -4.59 8.92 -3.68
CA LEU A 79 -5.70 9.86 -3.79
C LEU A 79 -6.92 9.32 -3.02
N TRP A 80 -7.37 10.04 -2.00
CA TRP A 80 -8.51 9.64 -1.18
C TRP A 80 -9.83 9.85 -1.94
N PRO A 81 -10.81 8.94 -1.76
CA PRO A 81 -12.01 8.99 -2.62
C PRO A 81 -12.94 10.19 -2.48
N THR A 82 -12.67 11.14 -1.59
CA THR A 82 -13.46 12.37 -1.57
C THR A 82 -12.93 13.39 -2.58
N PHE A 83 -11.85 13.04 -3.29
CA PHE A 83 -11.20 13.98 -4.19
C PHE A 83 -11.20 13.52 -5.65
N PHE A 84 -12.28 12.87 -6.09
CA PHE A 84 -12.32 12.30 -7.45
C PHE A 84 -12.65 13.31 -8.56
N GLU A 85 -13.26 14.44 -8.19
CA GLU A 85 -13.55 15.49 -9.18
C GLU A 85 -12.23 16.10 -9.67
N ARG A 86 -12.14 16.39 -10.97
N ARG A 86 -12.14 16.38 -10.97
CA ARG A 86 -10.86 16.78 -11.59
CA ARG A 86 -10.85 16.77 -11.59
C ARG A 86 -10.07 17.88 -10.87
C ARG A 86 -10.06 17.90 -10.90
N PRO A 87 -10.73 19.02 -10.56
CA PRO A 87 -9.95 20.05 -9.86
C PRO A 87 -9.48 19.58 -8.48
N LEU A 88 -10.23 18.70 -7.84
CA LEU A 88 -9.86 18.20 -6.51
C LEU A 88 -8.73 17.17 -6.57
N VAL A 89 -8.67 16.41 -7.67
CA VAL A 89 -7.55 15.49 -7.86
C VAL A 89 -6.25 16.27 -7.85
N ARG A 90 -6.21 17.38 -8.59
CA ARG A 90 -5.01 18.19 -8.69
C ARG A 90 -4.68 18.82 -7.33
N LYS A 91 -5.70 19.36 -6.67
CA LYS A 91 -5.54 20.00 -5.36
C LYS A 91 -4.97 19.03 -4.34
N ALA A 92 -5.56 17.84 -4.28
CA ALA A 92 -5.13 16.80 -3.34
C ALA A 92 -3.70 16.36 -3.65
N PHE A 93 -3.42 16.12 -4.94
CA PHE A 93 -2.09 15.70 -5.32
C PHE A 93 -1.05 16.77 -4.95
N GLU A 94 -1.36 18.03 -5.27
CA GLU A 94 -0.45 19.13 -4.98
C GLU A 94 -0.15 19.26 -3.48
N LYS A 95 -1.15 19.02 -2.64
N LYS A 95 -1.15 19.02 -2.64
CA LYS A 95 -0.95 19.04 -1.19
CA LYS A 95 -0.95 19.04 -1.19
C LYS A 95 -0.04 17.90 -0.76
C LYS A 95 -0.04 17.90 -0.76
N THR A 96 -0.27 16.71 -1.31
CA THR A 96 0.55 15.56 -1.01
C THR A 96 1.99 15.82 -1.44
N LEU A 97 2.17 16.32 -2.66
CA LEU A 97 3.52 16.56 -3.18
C LEU A 97 4.23 17.64 -2.38
N LYS A 98 3.50 18.70 -2.03
CA LYS A 98 4.08 19.75 -1.20
C LYS A 98 4.49 19.26 0.19
N ASP A 99 3.61 18.49 0.83
CA ASP A 99 3.92 17.93 2.14
C ASP A 99 5.15 17.03 2.08
N LEU A 100 5.23 16.20 1.05
CA LEU A 100 6.36 15.29 0.90
C LEU A 100 7.64 16.00 0.47
N LYS A 101 7.51 17.26 0.05
CA LYS A 101 8.65 18.10 -0.35
C LYS A 101 9.43 17.54 -1.55
N LEU A 102 8.69 16.87 -2.43
CA LEU A 102 9.25 16.21 -3.60
C LEU A 102 8.92 16.97 -4.88
N SER A 103 9.67 16.69 -5.95
CA SER A 103 9.36 17.27 -7.25
C SER A 103 8.54 16.28 -8.10
N TYR A 104 8.50 15.03 -7.67
CA TYR A 104 7.71 14.00 -8.36
C TYR A 104 7.44 12.84 -7.43
N LEU A 105 6.36 12.11 -7.69
N LEU A 105 6.40 12.08 -7.74
CA LEU A 105 6.07 10.86 -6.97
CA LEU A 105 6.03 10.88 -7.01
C LEU A 105 6.40 9.69 -7.88
C LEU A 105 6.36 9.68 -7.89
N ASP A 106 6.83 8.59 -7.31
CA ASP A 106 7.10 7.39 -8.10
C ASP A 106 5.82 6.68 -8.54
N VAL A 107 4.88 6.54 -7.62
CA VAL A 107 3.56 5.99 -7.94
C VAL A 107 2.48 6.75 -7.18
N TYR A 108 1.38 7.06 -7.88
CA TYR A 108 0.20 7.65 -7.24
C TYR A 108 -0.95 6.68 -7.43
N LEU A 109 -1.57 6.26 -6.34
CA LEU A 109 -2.63 5.26 -6.38
C LEU A 109 -4.01 5.84 -6.12
N ILE A 110 -5.03 5.29 -6.78
N ILE A 110 -5.03 5.25 -6.73
CA ILE A 110 -6.39 5.51 -6.29
CA ILE A 110 -6.39 5.48 -6.28
C ILE A 110 -6.53 4.69 -5.01
C ILE A 110 -6.55 4.67 -5.00
N HIS A 111 -6.84 5.35 -3.89
CA HIS A 111 -6.81 4.69 -2.58
C HIS A 111 -7.92 3.65 -2.40
N TRP A 112 -9.14 4.00 -2.84
CA TRP A 112 -10.31 3.11 -2.83
C TRP A 112 -11.10 3.39 -4.10
N PRO A 113 -11.72 2.36 -4.68
CA PRO A 113 -12.49 2.59 -5.92
C PRO A 113 -13.82 3.32 -5.70
N GLN A 114 -14.45 3.13 -4.55
CA GLN A 114 -15.76 3.75 -4.31
C GLN A 114 -15.62 5.22 -3.95
N GLY A 115 -16.25 6.10 -4.72
CA GLY A 115 -16.14 7.53 -4.48
C GLY A 115 -16.95 8.03 -3.32
N PHE A 116 -16.44 9.02 -2.61
CA PHE A 116 -17.14 9.65 -1.49
C PHE A 116 -17.53 11.06 -1.87
N LYS A 117 -18.60 11.56 -1.25
CA LYS A 117 -19.03 12.95 -1.42
C LYS A 117 -17.91 13.93 -1.13
N SER A 118 -17.72 14.90 -2.00
N SER A 118 -17.73 14.92 -2.00
CA SER A 118 -16.68 15.91 -1.81
CA SER A 118 -16.72 15.94 -1.82
C SER A 118 -17.13 16.98 -0.80
C SER A 118 -17.14 16.96 -0.78
N GLY A 119 -16.17 17.59 -0.13
CA GLY A 119 -16.46 18.55 0.90
C GLY A 119 -15.35 18.51 1.93
N ASP A 120 -15.60 19.07 3.10
CA ASP A 120 -14.56 19.16 4.11
C ASP A 120 -14.28 17.84 4.83
N ASP A 121 -15.29 16.97 4.90
CA ASP A 121 -15.15 15.70 5.63
C ASP A 121 -14.43 14.63 4.83
N LEU A 122 -13.53 13.89 5.48
CA LEU A 122 -12.85 12.77 4.83
C LEU A 122 -13.74 11.53 4.76
N PHE A 123 -14.65 11.41 5.72
CA PHE A 123 -15.57 10.27 5.75
C PHE A 123 -17.00 10.79 5.83
N PRO A 124 -17.50 11.38 4.74
CA PRO A 124 -18.86 11.95 4.75
C PRO A 124 -19.91 10.86 5.00
N LYS A 125 -20.81 11.11 5.94
CA LYS A 125 -21.86 10.14 6.27
C LYS A 125 -23.19 10.84 6.52
N ASP A 126 -24.28 10.10 6.32
CA ASP A 126 -25.62 10.64 6.51
C ASP A 126 -25.98 10.44 7.98
N ASP A 127 -27.25 10.52 8.33
CA ASP A 127 -27.54 10.48 9.74
C ASP A 127 -27.83 9.10 10.23
N LYS A 128 -27.39 8.16 9.46
CA LYS A 128 -27.45 6.76 9.88
C LYS A 128 -26.05 6.22 10.18
N GLY A 129 -25.05 6.75 9.47
CA GLY A 129 -23.68 6.33 9.65
C GLY A 129 -23.05 5.83 8.36
N ASN A 130 -23.88 5.64 7.34
CA ASN A 130 -23.41 5.17 6.04
C ASN A 130 -22.63 6.24 5.29
N ALA A 131 -21.74 5.81 4.40
CA ALA A 131 -20.94 6.74 3.61
C ALA A 131 -21.73 7.28 2.43
N ILE A 132 -21.67 8.59 2.23
CA ILE A 132 -22.38 9.24 1.14
C ILE A 132 -21.47 9.15 -0.08
N GLY A 133 -21.99 8.65 -1.20
CA GLY A 133 -21.20 8.49 -2.40
C GLY A 133 -20.95 9.82 -3.09
N GLY A 134 -20.00 9.81 -4.02
CA GLY A 134 -19.63 11.05 -4.70
C GLY A 134 -20.21 11.17 -6.09
N LYS A 135 -19.94 12.30 -6.73
CA LYS A 135 -20.44 12.56 -8.07
C LYS A 135 -19.50 11.96 -9.12
N ALA A 136 -18.20 12.12 -8.90
CA ALA A 136 -17.21 11.59 -9.84
C ALA A 136 -16.87 10.14 -9.49
N THR A 137 -16.47 9.37 -10.50
CA THR A 137 -16.08 7.97 -10.28
C THR A 137 -14.57 7.79 -10.32
N PHE A 138 -14.09 6.57 -10.04
CA PHE A 138 -12.65 6.35 -10.10
C PHE A 138 -12.13 6.46 -11.53
N LEU A 139 -13.00 6.28 -12.52
CA LEU A 139 -12.61 6.46 -13.92
C LEU A 139 -12.39 7.94 -14.21
N ASP A 140 -13.25 8.79 -13.64
CA ASP A 140 -13.06 10.24 -13.73
C ASP A 140 -11.74 10.64 -13.06
N ALA A 141 -11.50 10.10 -11.87
CA ALA A 141 -10.28 10.39 -11.14
C ALA A 141 -9.05 9.99 -11.94
N TRP A 142 -9.10 8.80 -12.55
CA TRP A 142 -7.98 8.29 -13.33
C TRP A 142 -7.60 9.24 -14.44
N GLU A 143 -8.60 9.79 -15.13
CA GLU A 143 -8.32 10.71 -16.23
C GLU A 143 -7.54 11.94 -15.76
N ALA A 144 -7.85 12.43 -14.56
CA ALA A 144 -7.12 13.57 -14.02
C ALA A 144 -5.73 13.17 -13.54
N MET A 145 -5.61 11.94 -13.04
CA MET A 145 -4.30 11.44 -12.62
C MET A 145 -3.36 11.22 -13.80
N GLU A 146 -3.91 10.86 -14.96
CA GLU A 146 -3.07 10.64 -16.15
C GLU A 146 -2.37 11.92 -16.56
N GLU A 147 -3.02 13.06 -16.33
CA GLU A 147 -2.43 14.35 -16.64
C GLU A 147 -1.17 14.59 -15.82
N LEU A 148 -1.12 14.04 -14.61
CA LEU A 148 0.03 14.17 -13.75
C LEU A 148 1.23 13.44 -14.34
N VAL A 149 0.99 12.31 -15.01
CA VAL A 149 2.06 11.56 -15.64
C VAL A 149 2.54 12.29 -16.90
N ASP A 150 1.58 12.81 -17.69
CA ASP A 150 1.91 13.57 -18.88
C ASP A 150 2.80 14.76 -18.54
N GLU A 151 2.56 15.36 -17.38
CA GLU A 151 3.27 16.55 -16.97
C GLU A 151 4.59 16.28 -16.24
N GLY A 152 4.89 15.01 -15.97
CA GLY A 152 6.15 14.62 -15.36
C GLY A 152 6.17 14.67 -13.84
N LEU A 153 4.99 14.79 -13.24
CA LEU A 153 4.86 14.93 -11.80
C LEU A 153 4.74 13.58 -11.09
N VAL A 154 4.33 12.56 -11.84
CA VAL A 154 4.17 11.21 -11.32
C VAL A 154 4.72 10.26 -12.37
N LYS A 155 5.51 9.28 -11.96
CA LYS A 155 6.13 8.37 -12.92
C LYS A 155 5.15 7.29 -13.39
N ALA A 156 4.28 6.85 -12.48
CA ALA A 156 3.33 5.78 -12.80
C ALA A 156 2.12 5.87 -11.90
N LEU A 157 0.99 5.36 -12.39
CA LEU A 157 -0.24 5.31 -11.61
C LEU A 157 -0.52 3.89 -11.17
N GLY A 158 -1.30 3.74 -10.10
CA GLY A 158 -1.74 2.43 -9.69
C GLY A 158 -3.08 2.50 -8.99
N VAL A 159 -3.55 1.35 -8.51
CA VAL A 159 -4.82 1.29 -7.82
C VAL A 159 -4.65 0.58 -6.49
N SER A 160 -5.64 0.71 -5.62
CA SER A 160 -5.60 0.05 -4.33
C SER A 160 -7.00 -0.40 -3.98
N ASN A 161 -7.09 -1.58 -3.38
CA ASN A 161 -8.40 -2.17 -3.04
C ASN A 161 -9.33 -2.34 -4.24
N PHE A 162 -8.77 -2.67 -5.39
CA PHE A 162 -9.58 -2.92 -6.58
C PHE A 162 -9.77 -4.40 -6.74
N SER A 163 -10.98 -4.80 -7.10
CA SER A 163 -11.27 -6.18 -7.49
C SER A 163 -10.89 -6.33 -8.94
N HIS A 164 -10.88 -7.57 -9.42
CA HIS A 164 -10.52 -7.78 -10.83
C HIS A 164 -11.53 -7.15 -11.78
N PHE A 165 -12.81 -7.09 -11.38
CA PHE A 165 -13.82 -6.42 -12.20
C PHE A 165 -13.50 -4.95 -12.37
N GLN A 166 -12.98 -4.33 -11.32
CA GLN A 166 -12.67 -2.91 -11.36
C GLN A 166 -11.42 -2.62 -12.18
N ILE A 167 -10.43 -3.51 -12.09
CA ILE A 167 -9.27 -3.39 -12.95
C ILE A 167 -9.69 -3.58 -14.40
N GLU A 168 -10.59 -4.54 -14.65
CA GLU A 168 -11.10 -4.76 -16.01
C GLU A 168 -11.75 -3.50 -16.55
N LYS A 169 -12.58 -2.87 -15.72
CA LYS A 169 -13.28 -1.66 -16.11
C LYS A 169 -12.27 -0.54 -16.44
N LEU A 170 -11.20 -0.45 -15.67
CA LEU A 170 -10.14 0.53 -15.94
C LEU A 170 -9.39 0.20 -17.24
N LEU A 171 -8.97 -1.05 -17.39
CA LEU A 171 -8.21 -1.45 -18.58
C LEU A 171 -9.01 -1.31 -19.87
N ASN A 172 -10.34 -1.38 -19.74
CA ASN A 172 -11.25 -1.29 -20.89
C ASN A 172 -11.73 0.13 -21.19
N LYS A 173 -11.33 1.08 -20.36
CA LYS A 173 -11.78 2.46 -20.49
C LYS A 173 -11.36 3.03 -21.83
N PRO A 174 -12.34 3.57 -22.58
CA PRO A 174 -12.01 4.25 -23.84
C PRO A 174 -11.01 5.36 -23.58
N GLY A 175 -10.02 5.49 -24.45
CA GLY A 175 -9.07 6.59 -24.36
C GLY A 175 -8.02 6.44 -23.28
N LEU A 176 -7.96 5.28 -22.64
CA LEU A 176 -6.97 5.03 -21.59
C LEU A 176 -5.57 5.40 -22.04
N LYS A 177 -4.85 6.13 -21.20
CA LYS A 177 -3.49 6.56 -21.54
C LYS A 177 -2.44 5.77 -20.78
N TYR A 178 -2.73 5.49 -19.51
CA TYR A 178 -1.76 4.81 -18.65
C TYR A 178 -2.44 3.67 -17.92
N LYS A 179 -1.78 2.53 -17.88
CA LYS A 179 -2.29 1.38 -17.13
C LYS A 179 -1.73 1.39 -15.70
N PRO A 180 -2.50 0.84 -14.76
CA PRO A 180 -1.98 0.73 -13.39
C PRO A 180 -0.77 -0.21 -13.32
N VAL A 181 0.26 0.18 -12.57
CA VAL A 181 1.46 -0.63 -12.42
C VAL A 181 1.40 -1.55 -11.21
N THR A 182 0.48 -1.26 -10.29
CA THR A 182 0.32 -2.10 -9.11
C THR A 182 -1.13 -2.02 -8.63
N ASN A 183 -1.56 -3.06 -7.94
CA ASN A 183 -2.79 -3.05 -7.16
C ASN A 183 -2.36 -3.31 -5.72
N GLN A 184 -2.54 -2.32 -4.84
CA GLN A 184 -2.14 -2.47 -3.45
C GLN A 184 -3.34 -2.98 -2.67
N VAL A 185 -3.23 -4.20 -2.14
CA VAL A 185 -4.35 -4.84 -1.46
C VAL A 185 -3.87 -5.55 -0.22
N GLU A 186 -4.80 -5.84 0.68
CA GLU A 186 -4.45 -6.58 1.88
C GLU A 186 -3.99 -7.96 1.46
N CYS A 187 -2.88 -8.43 2.02
CA CYS A 187 -2.43 -9.78 1.71
C CYS A 187 -1.51 -10.32 2.80
N HIS A 188 -1.75 -11.57 3.17
CA HIS A 188 -1.05 -12.24 4.26
C HIS A 188 -1.55 -13.68 4.29
N PRO A 189 -1.00 -14.52 5.19
CA PRO A 189 -1.43 -15.93 5.17
C PRO A 189 -2.91 -16.19 5.45
N TYR A 190 -3.64 -15.24 6.04
CA TYR A 190 -5.07 -15.46 6.25
C TYR A 190 -5.93 -14.89 5.12
N LEU A 191 -5.28 -14.21 4.17
CA LEU A 191 -5.96 -13.65 3.01
C LEU A 191 -4.95 -13.70 1.86
N THR A 192 -4.79 -14.89 1.28
N THR A 192 -4.78 -14.89 1.29
CA THR A 192 -3.67 -15.14 0.38
CA THR A 192 -3.68 -15.17 0.37
C THR A 192 -3.84 -14.59 -1.03
C THR A 192 -3.85 -14.59 -1.03
N GLN A 193 -5.07 -14.16 -1.35
CA GLN A 193 -5.35 -13.48 -2.62
C GLN A 193 -4.90 -14.25 -3.86
N GLU A 194 -5.08 -15.57 -3.88
CA GLU A 194 -4.54 -16.35 -4.99
C GLU A 194 -5.10 -15.93 -6.35
N LYS A 195 -6.42 -15.80 -6.45
CA LYS A 195 -7.03 -15.46 -7.73
C LYS A 195 -6.69 -14.03 -8.17
N LEU A 196 -6.70 -13.10 -7.23
CA LEU A 196 -6.44 -11.71 -7.58
C LEU A 196 -4.98 -11.53 -8.01
N ILE A 197 -4.06 -12.19 -7.31
CA ILE A 197 -2.65 -12.09 -7.69
C ILE A 197 -2.43 -12.69 -9.08
N GLN A 198 -3.04 -13.84 -9.33
CA GLN A 198 -2.93 -14.49 -10.63
C GLN A 198 -3.47 -13.58 -11.72
N TYR A 199 -4.62 -12.96 -11.45
CA TYR A 199 -5.22 -12.03 -12.41
C TYR A 199 -4.31 -10.84 -12.69
N CYS A 200 -3.87 -10.16 -11.62
CA CYS A 200 -3.02 -8.99 -11.78
C CYS A 200 -1.76 -9.32 -12.55
N HIS A 201 -1.07 -10.38 -12.14
CA HIS A 201 0.15 -10.77 -12.84
C HIS A 201 -0.08 -11.09 -14.32
N SER A 202 -1.23 -11.69 -14.63
CA SER A 202 -1.56 -12.00 -16.03
C SER A 202 -1.74 -10.74 -16.88
N LYS A 203 -2.02 -9.62 -16.22
CA LYS A 203 -2.20 -8.33 -16.90
C LYS A 203 -0.95 -7.46 -16.82
N GLY A 204 0.12 -7.98 -16.23
CA GLY A 204 1.34 -7.20 -16.08
C GLY A 204 1.26 -6.17 -14.97
N ILE A 205 0.35 -6.40 -14.03
CA ILE A 205 0.14 -5.53 -12.88
C ILE A 205 0.70 -6.20 -11.65
N THR A 206 1.62 -5.50 -10.95
CA THR A 206 2.18 -6.06 -9.72
C THR A 206 1.16 -5.97 -8.61
N VAL A 207 1.43 -6.67 -7.51
CA VAL A 207 0.61 -6.57 -6.31
C VAL A 207 1.47 -6.07 -5.17
N THR A 208 0.94 -5.12 -4.39
CA THR A 208 1.62 -4.67 -3.18
C THR A 208 0.78 -5.12 -2.00
N ALA A 209 1.38 -5.88 -1.08
CA ALA A 209 0.65 -6.44 0.06
C ALA A 209 0.64 -5.49 1.25
N TYR A 210 -0.56 -5.07 1.64
CA TYR A 210 -0.69 -4.25 2.81
C TYR A 210 -1.16 -5.04 4.03
N SER A 211 -1.00 -4.43 5.20
CA SER A 211 -1.24 -5.11 6.48
C SER A 211 -0.66 -6.53 6.54
N PRO A 212 0.63 -6.70 6.17
CA PRO A 212 1.15 -8.07 6.11
C PRO A 212 1.36 -8.72 7.47
N LEU A 213 1.35 -7.91 8.53
CA LEU A 213 1.51 -8.44 9.87
C LEU A 213 0.17 -8.59 10.56
N GLY A 214 -0.92 -8.34 9.81
CA GLY A 214 -2.26 -8.44 10.35
C GLY A 214 -2.72 -7.17 11.02
N SER A 215 -2.00 -6.08 10.81
CA SER A 215 -2.37 -4.77 11.37
C SER A 215 -2.87 -4.84 12.83
N PRO A 216 -2.03 -5.34 13.76
CA PRO A 216 -2.48 -5.50 15.14
C PRO A 216 -2.85 -4.18 15.83
N ASP A 217 -2.36 -3.06 15.28
CA ASP A 217 -2.65 -1.76 15.86
C ASP A 217 -3.87 -1.07 15.24
N ARG A 218 -4.57 -1.75 14.34
CA ARG A 218 -5.80 -1.20 13.78
C ARG A 218 -6.77 -0.94 14.94
N PRO A 219 -7.50 0.20 14.89
CA PRO A 219 -8.31 0.58 16.05
C PRO A 219 -9.35 -0.45 16.44
N TRP A 220 -9.92 -1.14 15.46
CA TRP A 220 -11.06 -2.03 15.68
C TRP A 220 -10.68 -3.48 16.01
N ALA A 221 -9.39 -3.73 16.25
CA ALA A 221 -8.93 -5.08 16.59
C ALA A 221 -9.66 -5.61 17.81
N LYS A 222 -10.16 -6.84 17.72
CA LYS A 222 -10.84 -7.46 18.84
C LYS A 222 -10.03 -8.65 19.35
N PRO A 223 -10.15 -8.96 20.65
CA PRO A 223 -9.54 -10.12 21.31
C PRO A 223 -9.60 -11.39 20.46
N GLU A 224 -10.79 -11.72 19.95
CA GLU A 224 -11.02 -12.99 19.26
C GLU A 224 -10.51 -13.02 17.82
N ASP A 225 -10.10 -11.86 17.30
CA ASP A 225 -9.64 -11.79 15.92
C ASP A 225 -8.39 -12.62 15.70
N PRO A 226 -8.27 -13.22 14.50
CA PRO A 226 -7.04 -13.93 14.14
C PRO A 226 -5.83 -13.03 14.32
N SER A 227 -4.72 -13.61 14.76
N SER A 227 -4.72 -13.59 14.79
CA SER A 227 -3.50 -12.86 15.02
CA SER A 227 -3.50 -12.82 15.01
C SER A 227 -2.28 -13.54 14.42
C SER A 227 -2.30 -13.54 14.41
N LEU A 228 -1.86 -13.08 13.24
CA LEU A 228 -0.74 -13.69 12.53
C LEU A 228 0.56 -13.70 13.33
N LEU A 229 0.85 -12.60 14.02
CA LEU A 229 2.12 -12.50 14.75
C LEU A 229 2.21 -13.53 15.86
N GLU A 230 1.06 -13.97 16.38
N GLU A 230 1.04 -13.97 16.34
CA GLU A 230 1.07 -14.97 17.44
CA GLU A 230 0.97 -14.93 17.44
C GLU A 230 0.67 -16.37 16.98
C GLU A 230 0.68 -16.35 16.99
N ASP A 231 0.53 -16.56 15.68
CA ASP A 231 0.16 -17.86 15.13
C ASP A 231 1.27 -18.88 15.40
N PRO A 232 0.97 -19.91 16.19
CA PRO A 232 2.04 -20.84 16.58
C PRO A 232 2.68 -21.57 15.40
N LYS A 233 1.92 -21.79 14.32
CA LYS A 233 2.46 -22.44 13.12
C LYS A 233 3.36 -21.52 12.31
N ILE A 234 3.07 -20.22 12.28
CA ILE A 234 3.99 -19.25 11.70
C ILE A 234 5.25 -19.18 12.56
N LYS A 235 5.08 -19.16 13.88
CA LYS A 235 6.22 -19.05 14.78
C LYS A 235 7.12 -20.26 14.69
N GLU A 236 6.52 -21.44 14.49
CA GLU A 236 7.27 -22.67 14.35
C GLU A 236 8.21 -22.59 13.15
N ILE A 237 7.71 -22.12 12.02
CA ILE A 237 8.53 -21.96 10.83
C ILE A 237 9.62 -20.90 11.06
N ALA A 238 9.24 -19.80 11.72
CA ALA A 238 10.20 -18.76 12.07
C ALA A 238 11.36 -19.26 12.94
N ALA A 239 11.02 -19.93 14.04
CA ALA A 239 12.03 -20.39 14.99
C ALA A 239 13.03 -21.32 14.31
N LYS A 240 12.57 -22.08 13.32
CA LYS A 240 13.47 -22.94 12.56
C LYS A 240 14.57 -22.14 11.87
N HIS A 241 14.19 -21.00 11.30
CA HIS A 241 15.12 -20.14 10.58
C HIS A 241 15.84 -19.15 11.49
N LYS A 242 15.65 -19.29 12.80
CA LYS A 242 16.12 -18.29 13.77
C LYS A 242 15.68 -16.88 13.40
N LYS A 243 14.44 -16.78 12.94
CA LYS A 243 13.86 -15.52 12.53
C LYS A 243 12.60 -15.28 13.35
N THR A 244 12.03 -14.08 13.24
CA THR A 244 10.78 -13.76 13.92
C THR A 244 9.59 -14.06 13.03
N ALA A 245 8.41 -14.16 13.64
CA ALA A 245 7.18 -14.34 12.88
C ALA A 245 7.02 -13.21 11.86
N ALA A 246 7.33 -11.98 12.26
CA ALA A 246 7.21 -10.85 11.35
C ALA A 246 8.07 -11.06 10.11
N GLN A 247 9.29 -11.54 10.30
CA GLN A 247 10.19 -11.74 9.17
C GLN A 247 9.68 -12.83 8.23
N VAL A 248 9.10 -13.89 8.78
CA VAL A 248 8.47 -14.90 7.94
C VAL A 248 7.27 -14.34 7.17
N LEU A 249 6.44 -13.54 7.85
CA LEU A 249 5.27 -12.93 7.22
C LEU A 249 5.64 -11.99 6.07
N ILE A 250 6.81 -11.36 6.17
CA ILE A 250 7.30 -10.45 5.13
C ILE A 250 7.92 -11.25 3.99
N ARG A 251 8.74 -12.24 4.35
CA ARG A 251 9.42 -13.09 3.38
C ARG A 251 8.41 -13.88 2.50
N PHE A 252 7.27 -14.23 3.07
CA PHE A 252 6.21 -14.94 2.35
C PHE A 252 5.84 -14.21 1.05
N HIS A 253 5.70 -12.89 1.12
CA HIS A 253 5.36 -12.12 -0.07
C HIS A 253 6.50 -12.05 -1.07
N ILE A 254 7.72 -11.85 -0.57
CA ILE A 254 8.88 -11.75 -1.43
C ILE A 254 8.97 -12.96 -2.35
N GLN A 255 8.67 -14.14 -1.80
CA GLN A 255 8.83 -15.37 -2.57
C GLN A 255 7.67 -15.61 -3.55
N ARG A 256 6.64 -14.76 -3.48
CA ARG A 256 5.57 -14.78 -4.48
C ARG A 256 5.72 -13.61 -5.45
N ASN A 257 6.87 -12.94 -5.38
N ASN A 257 6.86 -12.92 -5.35
CA ASN A 257 7.15 -11.73 -6.17
CA ASN A 257 7.14 -11.73 -6.17
C ASN A 257 6.14 -10.62 -5.92
C ASN A 257 6.12 -10.62 -5.93
N VAL A 258 5.67 -10.53 -4.68
CA VAL A 258 4.72 -9.51 -4.27
C VAL A 258 5.41 -8.50 -3.37
N ILE A 259 5.26 -7.22 -3.70
CA ILE A 259 5.82 -6.13 -2.91
C ILE A 259 5.11 -6.10 -1.55
N VAL A 260 5.83 -5.74 -0.48
CA VAL A 260 5.23 -5.77 0.84
C VAL A 260 5.65 -4.58 1.69
N ILE A 261 4.71 -4.00 2.44
CA ILE A 261 4.96 -2.72 3.13
C ILE A 261 4.62 -2.71 4.64
N PRO A 262 5.37 -3.49 5.44
CA PRO A 262 5.13 -3.51 6.88
C PRO A 262 5.34 -2.14 7.54
N LYS A 263 4.47 -1.80 8.48
CA LYS A 263 4.56 -0.55 9.20
C LYS A 263 5.17 -0.74 10.57
N SER A 264 6.10 0.14 10.93
CA SER A 264 6.57 0.23 12.31
C SER A 264 7.09 1.62 12.61
N VAL A 265 6.97 2.04 13.87
CA VAL A 265 7.66 3.24 14.34
C VAL A 265 8.69 2.90 15.40
N THR A 266 8.92 1.60 15.60
CA THR A 266 9.89 1.14 16.60
C THR A 266 11.21 0.86 15.86
N PRO A 267 12.28 1.61 16.20
CA PRO A 267 13.53 1.43 15.44
C PRO A 267 14.00 -0.02 15.33
N ALA A 268 13.98 -0.80 16.41
CA ALA A 268 14.44 -2.18 16.34
C ALA A 268 13.61 -3.02 15.37
N ARG A 269 12.31 -2.74 15.30
CA ARG A 269 11.43 -3.51 14.43
C ARG A 269 11.59 -3.07 12.98
N ILE A 270 11.77 -1.77 12.76
CA ILE A 270 12.02 -1.25 11.43
C ILE A 270 13.22 -1.98 10.84
N VAL A 271 14.28 -2.08 11.63
CA VAL A 271 15.49 -2.76 11.19
C VAL A 271 15.21 -4.24 10.97
N GLU A 272 14.55 -4.87 11.95
CA GLU A 272 14.19 -6.28 11.87
C GLU A 272 13.43 -6.64 10.60
N ASN A 273 12.49 -5.78 10.23
CA ASN A 273 11.57 -6.07 9.13
C ASN A 273 12.21 -6.10 7.74
N ILE A 274 13.42 -5.58 7.63
CA ILE A 274 14.13 -5.62 6.35
C ILE A 274 15.29 -6.63 6.33
N GLN A 275 15.47 -7.37 7.41
N GLN A 275 15.48 -7.36 7.42
CA GLN A 275 16.44 -8.46 7.44
CA GLN A 275 16.45 -8.46 7.43
C GLN A 275 15.74 -9.72 6.93
C GLN A 275 15.75 -9.72 6.93
N VAL A 276 15.35 -9.70 5.66
CA VAL A 276 14.54 -10.75 5.09
C VAL A 276 15.08 -11.24 3.75
N PHE A 277 16.35 -10.94 3.48
CA PHE A 277 16.96 -11.36 2.23
C PHE A 277 18.10 -12.34 2.48
N ASP A 278 18.16 -12.86 3.70
CA ASP A 278 19.24 -13.76 4.09
C ASP A 278 18.74 -15.14 4.50
N PHE A 279 17.48 -15.44 4.19
CA PHE A 279 16.94 -16.77 4.39
C PHE A 279 15.89 -17.06 3.34
N LYS A 280 15.47 -18.32 3.26
CA LYS A 280 14.51 -18.72 2.25
C LYS A 280 13.55 -19.77 2.78
N LEU A 281 12.25 -19.50 2.64
CA LEU A 281 11.24 -20.48 3.03
C LEU A 281 11.23 -21.61 2.00
N SER A 282 11.24 -22.85 2.47
CA SER A 282 11.24 -23.99 1.56
C SER A 282 9.90 -24.07 0.83
N ASP A 283 9.85 -24.86 -0.24
CA ASP A 283 8.61 -25.06 -0.97
C ASP A 283 7.53 -25.61 -0.04
N GLU A 284 7.92 -26.52 0.84
CA GLU A 284 6.99 -27.09 1.80
C GLU A 284 6.45 -26.02 2.76
N GLU A 285 7.34 -25.14 3.22
CA GLU A 285 6.94 -24.07 4.13
C GLU A 285 5.99 -23.09 3.46
N MET A 286 6.28 -22.73 2.21
CA MET A 286 5.39 -21.85 1.44
C MET A 286 4.00 -22.46 1.26
N ALA A 287 3.94 -23.75 0.94
CA ALA A 287 2.67 -24.43 0.77
C ALA A 287 1.88 -24.47 2.08
N THR A 288 2.58 -24.74 3.19
CA THR A 288 1.94 -24.74 4.50
C THR A 288 1.35 -23.37 4.82
N ILE A 289 2.15 -22.32 4.64
CA ILE A 289 1.67 -20.97 4.91
C ILE A 289 0.50 -20.61 4.00
N LEU A 290 0.60 -21.00 2.72
CA LEU A 290 -0.48 -20.71 1.77
C LEU A 290 -1.79 -21.37 2.21
N SER A 291 -1.67 -22.54 2.83
CA SER A 291 -2.86 -23.28 3.27
C SER A 291 -3.57 -22.62 4.45
N PHE A 292 -3.01 -21.53 4.98
CA PHE A 292 -3.61 -20.87 6.13
C PHE A 292 -4.74 -19.89 5.76
N ASN A 293 -4.98 -19.73 4.45
CA ASN A 293 -6.03 -18.80 4.01
C ASN A 293 -7.36 -18.96 4.75
N ARG A 294 -7.87 -17.85 5.26
CA ARG A 294 -9.15 -17.83 5.97
C ARG A 294 -10.12 -16.84 5.33
N ASN A 295 -9.70 -16.18 4.26
N ASN A 295 -9.69 -16.18 4.26
CA ASN A 295 -10.49 -15.09 3.67
CA ASN A 295 -10.47 -15.10 3.67
C ASN A 295 -10.82 -14.04 4.72
C ASN A 295 -10.81 -14.04 4.71
N TRP A 296 -9.85 -13.76 5.57
CA TRP A 296 -10.03 -12.80 6.66
C TRP A 296 -9.42 -11.44 6.33
N ARG A 297 -10.21 -10.37 6.48
CA ARG A 297 -9.73 -9.01 6.22
C ARG A 297 -9.67 -8.16 7.47
N ALA A 298 -8.50 -7.58 7.72
CA ALA A 298 -8.34 -6.56 8.74
C ALA A 298 -8.99 -5.25 8.30
N CYS A 299 -8.94 -4.97 7.00
CA CYS A 299 -9.45 -3.70 6.46
C CYS A 299 -10.60 -3.88 5.47
N ASN A 300 -11.77 -3.38 5.87
N ASN A 300 -11.78 -3.37 5.78
CA ASN A 300 -13.02 -3.62 5.15
CA ASN A 300 -12.87 -3.54 4.83
C ASN A 300 -13.76 -2.37 4.70
C ASN A 300 -13.76 -2.33 4.63
N LEU A 301 -13.37 -1.20 5.21
CA LEU A 301 -14.11 0.07 5.06
C LEU A 301 -15.62 -0.19 5.11
N LEU A 302 -16.06 -0.81 6.21
CA LEU A 302 -17.41 -1.38 6.33
C LEU A 302 -18.53 -0.40 6.03
N GLN A 303 -18.31 0.81 6.41
CA GLN A 303 -19.33 1.80 6.33
C GLN A 303 -19.63 2.21 4.89
N SER A 304 -18.76 1.76 3.99
CA SER A 304 -18.94 1.99 2.57
C SER A 304 -19.22 0.69 1.82
N SER A 305 -19.94 -0.21 2.47
CA SER A 305 -20.29 -1.49 1.84
C SER A 305 -21.48 -1.42 0.88
N HIS A 306 -22.26 -0.34 0.98
N HIS A 306 -22.27 -0.35 0.99
CA HIS A 306 -23.47 -0.20 0.17
CA HIS A 306 -23.47 -0.21 0.16
C HIS A 306 -23.25 0.59 -1.13
C HIS A 306 -23.26 0.61 -1.11
N LEU A 307 -22.04 1.13 -1.29
CA LEU A 307 -21.74 1.95 -2.48
C LEU A 307 -21.47 1.09 -3.73
N GLU A 308 -21.76 1.64 -4.91
CA GLU A 308 -21.72 0.88 -6.17
C GLU A 308 -20.41 0.11 -6.39
N ASP A 309 -19.30 0.79 -6.16
CA ASP A 309 -18.00 0.18 -6.40
C ASP A 309 -17.31 -0.31 -5.12
N TYR A 310 -18.09 -0.67 -4.11
CA TYR A 310 -17.49 -1.35 -2.96
C TYR A 310 -16.81 -2.61 -3.48
N PRO A 311 -15.52 -2.77 -3.19
CA PRO A 311 -14.75 -3.80 -3.94
C PRO A 311 -14.91 -5.22 -3.44
N PHE A 312 -15.36 -5.40 -2.20
CA PHE A 312 -15.25 -6.72 -1.58
C PHE A 312 -16.49 -7.60 -1.68
N ASN A 313 -17.46 -7.19 -2.49
CA ASN A 313 -18.60 -8.07 -2.78
C ASN A 313 -18.27 -9.08 -3.88
N ALA A 314 -17.24 -8.77 -4.66
CA ALA A 314 -16.77 -9.68 -5.70
C ALA A 314 -15.95 -10.81 -5.07
N GLU A 315 -15.95 -11.98 -5.71
CA GLU A 315 -15.13 -13.10 -5.25
C GLU A 315 -13.66 -12.68 -5.18
N TYR A 316 -13.21 -11.98 -6.23
CA TYR A 316 -11.87 -11.44 -6.28
C TYR A 316 -11.86 -10.31 -7.30
#